data_3WYP
#
_entry.id   3WYP
#
_cell.length_a   50.354
_cell.length_b   97.696
_cell.length_c   52.570
_cell.angle_alpha   90.00
_cell.angle_beta   112.29
_cell.angle_gamma   90.00
#
_symmetry.space_group_name_H-M   'P 1 21 1'
#
loop_
_entity.id
_entity.type
_entity.pdbx_description
1 polymer Streptavidin
2 non-polymer BIOTIN
3 non-polymer GLYCEROL
4 non-polymer BIOTIN-D-SULFOXIDE
5 non-polymer 'SULFATE ION'
6 water water
#
_entity_poly.entity_id   1
_entity_poly.type   'polypeptide(L)'
_entity_poly.pdbx_seq_one_letter_code
;AEAGITGTWYNQLGSTFIVTAGADGALTGTYESAVGNAESRYVLTGRYDSAPATDGSGTALGWTVAWKNNYRNAHSATTW
SGQYVGGAEARINTQWLLTSGTTEANAWKSTLVGHDTFTKVKPSAAS
;
_entity_poly.pdbx_strand_id   A,B,D,C
#
loop_
_chem_comp.id
_chem_comp.type
_chem_comp.name
_chem_comp.formula
BSO non-polymer BIOTIN-D-SULFOXIDE 'C10 H16 N2 O4 S'
BTN non-polymer BIOTIN 'C10 H16 N2 O3 S'
GOL non-polymer GLYCEROL 'C3 H8 O3'
SO4 non-polymer 'SULFATE ION' 'O4 S -2'
#
# COMPACT_ATOMS: atom_id res chain seq x y z
N ALA A 3 14.92 22.09 2.08
CA ALA A 3 16.25 21.85 2.89
C ALA A 3 16.76 22.74 4.13
N GLY A 4 15.94 23.17 5.12
CA GLY A 4 14.65 22.60 5.39
C GLY A 4 14.77 21.08 5.57
N ILE A 5 14.84 20.40 4.42
CA ILE A 5 14.94 18.98 4.42
C ILE A 5 16.33 18.52 4.88
N THR A 6 17.38 19.24 4.51
CA THR A 6 18.73 18.81 4.95
C THR A 6 18.84 18.71 6.45
N GLY A 7 19.39 17.61 6.92
CA GLY A 7 19.64 17.49 8.35
C GLY A 7 19.57 16.05 8.76
N THR A 8 19.54 15.86 10.06
CA THR A 8 19.44 14.55 10.73
C THR A 8 18.05 14.37 11.31
N TRP A 9 17.36 13.27 10.92
CA TRP A 9 16.01 13.03 11.29
C TRP A 9 15.93 11.69 11.94
N TYR A 10 14.95 11.54 12.83
CA TYR A 10 14.67 10.27 13.52
C TYR A 10 13.19 9.94 13.37
N ASN A 11 12.88 8.64 13.20
CA ASN A 11 11.46 8.25 13.11
C ASN A 11 10.98 7.64 14.39
N GLN A 12 9.76 7.12 14.41
CA GLN A 12 9.11 6.60 15.63
C GLN A 12 9.74 5.36 16.14
N LEU A 13 10.49 4.68 15.27
CA LEU A 13 11.21 3.47 15.63
C LEU A 13 12.59 3.75 16.20
N GLY A 14 13.05 5.01 16.08
CA GLY A 14 14.39 5.35 16.47
C GLY A 14 15.46 5.18 15.39
N SER A 15 15.02 4.97 14.15
CA SER A 15 15.95 4.95 13.01
C SER A 15 16.43 6.39 12.75
N THR A 16 17.62 6.45 12.12
CA THR A 16 18.30 7.74 11.83
C THR A 16 18.47 7.94 10.35
N PHE A 17 17.98 9.07 9.90
CA PHE A 17 17.90 9.41 8.47
C PHE A 17 18.72 10.70 8.29
N ILE A 18 19.91 10.60 7.67
CA ILE A 18 20.81 11.74 7.53
C ILE A 18 20.73 12.11 6.05
N VAL A 19 20.24 13.29 5.73
CA VAL A 19 19.98 13.60 4.37
C VAL A 19 20.45 15.00 3.96
N THR A 20 20.85 15.16 2.69
CA THR A 20 21.11 16.44 2.14
C THR A 20 20.25 16.62 0.96
N ALA A 21 19.59 17.78 0.92
CA ALA A 21 18.73 18.15 -0.19
C ALA A 21 19.53 19.06 -1.18
N GLY A 22 19.67 18.66 -2.44
CA GLY A 22 20.45 19.42 -3.40
C GLY A 22 19.57 20.43 -4.11
N ALA A 23 20.22 21.41 -4.69
CA ALA A 23 19.50 22.44 -5.40
C ALA A 23 18.77 21.91 -6.65
N ASP A 24 19.26 20.78 -7.17
CA ASP A 24 18.74 20.14 -8.38
C ASP A 24 17.56 19.21 -8.08
N GLY A 25 17.05 19.12 -6.82
CA GLY A 25 15.98 18.17 -6.48
C GLY A 25 16.49 16.85 -5.93
N ALA A 26 17.83 16.68 -5.80
CA ALA A 26 18.40 15.41 -5.27
C ALA A 26 18.28 15.30 -3.76
N LEU A 27 18.07 14.07 -3.31
CA LEU A 27 18.30 13.69 -1.88
C LEU A 27 19.43 12.68 -1.83
N THR A 28 20.39 12.87 -0.93
CA THR A 28 21.46 11.91 -0.77
C THR A 28 21.74 11.79 0.72
N GLY A 29 22.23 10.67 1.19
CA GLY A 29 22.57 10.51 2.59
C GLY A 29 22.66 9.08 3.04
N THR A 30 22.40 8.86 4.34
CA THR A 30 22.49 7.53 4.88
C THR A 30 21.30 7.26 5.77
N TYR A 31 20.96 5.99 5.90
CA TYR A 31 19.89 5.52 6.73
C TYR A 31 20.36 4.43 7.60
N GLU A 32 19.96 4.49 8.87
CA GLU A 32 20.36 3.44 9.83
C GLU A 32 19.07 3.04 10.50
N SER A 33 18.66 1.77 10.34
CA SER A 33 17.36 1.32 10.87
C SER A 33 17.53 0.76 12.27
N ALA A 34 16.60 1.11 13.15
CA ALA A 34 16.56 0.52 14.50
C ALA A 34 16.01 -0.89 14.54
N VAL A 35 15.42 -1.36 13.43
CA VAL A 35 14.75 -2.64 13.38
C VAL A 35 15.09 -3.39 12.05
N GLY A 36 14.75 -4.66 12.00
CA GLY A 36 14.88 -5.45 10.81
C GLY A 36 16.25 -6.00 10.54
N ASN A 37 16.40 -6.50 9.33
CA ASN A 37 17.62 -7.20 8.95
C ASN A 37 18.65 -6.20 8.43
N ALA A 38 19.24 -5.42 9.38
CA ALA A 38 19.98 -4.21 9.07
C ALA A 38 20.96 -3.97 10.16
N GLU A 39 22.17 -3.50 9.81
CA GLU A 39 23.10 -2.99 10.79
C GLU A 39 23.86 -1.85 10.14
N SER A 40 24.20 -0.85 10.96
CA SER A 40 24.98 0.30 10.53
C SER A 40 24.25 1.11 9.46
N ARG A 41 25.02 1.91 8.72
CA ARG A 41 24.44 2.84 7.76
C ARG A 41 24.35 2.22 6.40
N TYR A 42 23.31 2.63 5.69
CA TYR A 42 23.14 2.27 4.24
C TYR A 42 22.99 3.52 3.45
N VAL A 43 23.45 3.46 2.22
CA VAL A 43 23.31 4.62 1.31
C VAL A 43 21.84 4.81 0.93
N LEU A 44 21.39 6.06 0.80
CA LEU A 44 20.09 6.37 0.23
C LEU A 44 20.22 7.43 -0.87
N THR A 45 19.30 7.36 -1.83
CA THR A 45 19.16 8.43 -2.77
C THR A 45 17.68 8.65 -3.04
N GLY A 46 17.31 9.87 -3.41
CA GLY A 46 15.92 10.18 -3.67
C GLY A 46 15.77 11.49 -4.36
N ARG A 47 14.55 11.99 -4.42
CA ARG A 47 14.26 13.22 -5.14
C ARG A 47 13.18 13.96 -4.35
N TYR A 48 13.14 15.27 -4.52
CA TYR A 48 12.08 16.08 -3.86
C TYR A 48 11.70 17.20 -4.81
N ASP A 49 10.52 17.76 -4.56
CA ASP A 49 10.13 18.91 -5.36
C ASP A 49 10.89 20.15 -4.86
N SER A 50 11.76 20.69 -5.71
CA SER A 50 12.58 21.79 -5.31
C SER A 50 11.86 23.14 -5.59
N ALA A 51 10.58 23.14 -6.05
CA ALA A 51 9.81 24.39 -6.15
C ALA A 51 8.42 24.11 -5.71
N PRO A 52 8.22 23.84 -4.40
CA PRO A 52 6.92 23.43 -3.93
C PRO A 52 5.92 24.58 -3.98
N ALA A 53 4.64 24.22 -3.91
CA ALA A 53 3.55 25.20 -3.82
C ALA A 53 3.72 26.11 -2.61
N THR A 54 3.21 27.33 -2.73
CA THR A 54 3.29 28.28 -1.60
C THR A 54 1.93 28.50 -0.94
N ASP A 55 1.02 27.54 -1.05
CA ASP A 55 -0.34 27.71 -0.55
C ASP A 55 -0.51 26.96 0.78
N GLY A 56 0.60 26.51 1.35
CA GLY A 56 0.51 25.80 2.65
C GLY A 56 0.75 24.31 2.47
N SER A 57 0.91 23.85 1.23
CA SER A 57 1.07 22.43 0.96
C SER A 57 2.47 22.00 1.38
N GLY A 58 2.59 20.72 1.75
CA GLY A 58 3.89 20.10 1.95
C GLY A 58 4.71 19.98 0.67
N THR A 59 5.96 19.60 0.86
CA THR A 59 6.96 19.36 -0.24
C THR A 59 7.00 17.87 -0.47
N ALA A 60 6.59 17.44 -1.66
CA ALA A 60 6.63 15.99 -1.99
C ALA A 60 8.06 15.49 -2.14
N LEU A 61 8.31 14.29 -1.63
CA LEU A 61 9.63 13.67 -1.77
C LEU A 61 9.56 12.15 -1.66
N GLY A 62 10.68 11.52 -2.01
CA GLY A 62 10.79 10.10 -1.81
C GLY A 62 12.25 9.71 -1.80
N TRP A 63 12.55 8.56 -1.24
CA TRP A 63 13.92 8.07 -1.32
C TRP A 63 13.89 6.52 -1.16
N THR A 64 15.02 5.94 -1.56
CA THR A 64 15.22 4.52 -1.51
C THR A 64 16.44 4.14 -0.75
N VAL A 65 16.34 3.03 -0.02
CA VAL A 65 17.51 2.31 0.52
C VAL A 65 17.47 0.87 0.03
N ALA A 66 18.54 0.40 -0.64
CA ALA A 66 18.75 -1.07 -0.81
C ALA A 66 19.56 -1.55 0.38
N TRP A 67 19.08 -2.60 1.03
CA TRP A 67 19.63 -3.01 2.34
C TRP A 67 20.85 -3.90 2.16
N LYS A 68 21.80 -3.40 1.38
CA LYS A 68 23.12 -4.01 1.31
C LYS A 68 24.16 -2.95 1.68
N ASN A 69 25.05 -3.31 2.60
CA ASN A 69 26.19 -2.44 2.84
C ASN A 69 27.40 -3.31 3.00
N ASN A 70 28.50 -2.78 3.54
CA ASN A 70 29.69 -3.63 3.65
C ASN A 70 29.62 -4.73 4.65
N TYR A 71 28.55 -4.76 5.47
CA TYR A 71 28.50 -5.68 6.53
C TYR A 71 27.40 -6.73 6.36
N ARG A 72 26.34 -6.41 5.62
CA ARG A 72 25.13 -7.24 5.65
C ARG A 72 24.39 -7.01 4.36
N ASN A 73 23.68 -8.05 3.88
CA ASN A 73 22.79 -7.88 2.73
C ASN A 73 21.49 -8.60 2.99
N ALA A 74 20.41 -7.83 3.15
CA ALA A 74 19.07 -8.39 3.41
C ALA A 74 18.38 -8.76 2.12
N HIS A 75 18.94 -8.44 0.96
CA HIS A 75 18.23 -8.70 -0.31
C HIS A 75 16.84 -8.07 -0.29
N SER A 76 16.83 -6.77 -0.11
CA SER A 76 15.59 -6.04 0.03
C SER A 76 15.81 -4.56 -0.14
N ALA A 77 14.70 -3.82 -0.38
CA ALA A 77 14.84 -2.39 -0.61
C ALA A 77 13.59 -1.73 -0.07
N THR A 78 13.75 -0.60 0.61
CA THR A 78 12.59 0.22 1.05
C THR A 78 12.53 1.52 0.28
N THR A 79 11.34 1.90 -0.15
CA THR A 79 11.14 3.25 -0.64
C THR A 79 10.14 3.93 0.34
N TRP A 80 10.47 5.20 0.65
CA TRP A 80 9.59 6.04 1.43
C TRP A 80 9.07 7.16 0.51
N SER A 81 7.75 7.37 0.51
CA SER A 81 7.11 8.41 -0.32
C SER A 81 6.34 9.30 0.65
N GLY A 82 6.49 10.61 0.56
CA GLY A 82 5.77 11.42 1.59
C GLY A 82 5.96 12.87 1.31
N GLN A 83 5.79 13.64 2.38
CA GLN A 83 5.98 15.07 2.25
C GLN A 83 6.67 15.64 3.47
N TYR A 84 7.46 16.68 3.17
CA TYR A 84 8.15 17.48 4.18
C TYR A 84 7.18 18.64 4.50
N VAL A 85 7.00 18.83 5.81
CA VAL A 85 6.17 19.93 6.34
C VAL A 85 7.14 20.84 7.14
N GLY A 86 7.37 22.07 6.72
CA GLY A 86 8.39 22.93 7.42
C GLY A 86 7.88 23.68 8.62
N GLY A 87 8.56 24.78 8.98
CA GLY A 87 8.25 25.57 10.19
C GLY A 87 8.97 25.11 11.44
N ALA A 88 8.40 25.48 12.57
CA ALA A 88 9.07 25.36 13.86
C ALA A 88 9.25 23.92 14.27
N GLU A 89 8.24 23.11 13.98
CA GLU A 89 8.28 21.68 14.28
C GLU A 89 8.16 20.92 12.95
N ALA A 90 9.23 21.00 12.18
CA ALA A 90 9.25 20.40 10.87
C ALA A 90 9.14 18.84 11.00
N ARG A 91 8.51 18.25 10.01
CA ARG A 91 8.28 16.79 10.02
C ARG A 91 8.36 16.30 8.61
N ILE A 92 8.72 15.02 8.46
CA ILE A 92 8.60 14.34 7.16
C ILE A 92 7.64 13.20 7.45
N ASN A 93 6.51 13.22 6.73
CA ASN A 93 5.50 12.14 6.94
C ASN A 93 5.50 11.22 5.74
N THR A 94 5.66 9.89 5.97
CA THR A 94 5.81 9.01 4.84
C THR A 94 4.96 7.78 4.94
N GLN A 95 4.78 7.17 3.78
CA GLN A 95 4.39 5.75 3.75
C GLN A 95 5.54 5.03 3.01
N TRP A 96 5.74 3.76 3.33
CA TRP A 96 6.88 3.06 2.71
C TRP A 96 6.45 1.65 2.20
N LEU A 97 7.24 1.17 1.26
CA LEU A 97 7.12 -0.18 0.70
C LEU A 97 8.47 -0.81 0.79
N LEU A 98 8.49 -1.90 1.49
CA LEU A 98 9.74 -2.73 1.67
C LEU A 98 9.59 -4.00 0.85
N THR A 99 10.33 -4.11 -0.30
CA THR A 99 10.22 -5.30 -1.08
C THR A 99 11.46 -6.15 -0.85
N SER A 100 11.26 -7.44 -0.54
CA SER A 100 12.34 -8.41 -0.49
C SER A 100 12.43 -9.07 -1.80
N GLY A 101 13.66 -9.41 -2.19
CA GLY A 101 13.78 -10.28 -3.35
C GLY A 101 13.31 -11.67 -2.97
N THR A 102 12.56 -12.29 -3.85
CA THR A 102 11.95 -13.56 -3.52
C THR A 102 12.00 -14.47 -4.70
N THR A 103 11.91 -15.78 -4.43
CA THR A 103 11.65 -16.77 -5.50
C THR A 103 10.21 -16.51 -6.01
N GLU A 104 9.87 -17.11 -7.14
CA GLU A 104 8.53 -16.97 -7.67
C GLU A 104 7.46 -17.43 -6.65
N ALA A 105 7.73 -18.52 -5.91
CA ALA A 105 6.75 -19.06 -4.96
C ALA A 105 6.45 -18.11 -3.82
N ASN A 106 7.42 -17.22 -3.48
CA ASN A 106 7.24 -16.37 -2.39
C ASN A 106 6.88 -14.91 -2.81
N ALA A 107 6.77 -14.64 -4.12
CA ALA A 107 6.57 -13.22 -4.53
C ALA A 107 5.30 -12.57 -3.98
N TRP A 108 4.23 -13.36 -3.77
CA TRP A 108 3.00 -12.78 -3.21
C TRP A 108 3.24 -12.10 -1.86
N LYS A 109 4.27 -12.52 -1.13
CA LYS A 109 4.55 -11.99 0.19
C LYS A 109 5.83 -11.20 0.15
N SER A 110 6.18 -10.60 -1.00
CA SER A 110 7.45 -9.92 -1.07
C SER A 110 7.46 -8.55 -0.39
N THR A 111 6.30 -7.93 -0.19
CA THR A 111 6.27 -6.50 0.10
C THR A 111 5.48 -6.12 1.36
N LEU A 112 6.21 -5.50 2.30
CA LEU A 112 5.61 -4.94 3.50
C LEU A 112 5.31 -3.45 3.24
N VAL A 113 4.26 -2.97 3.90
CA VAL A 113 3.88 -1.56 3.85
C VAL A 113 3.76 -1.01 5.25
N GLY A 114 4.17 0.23 5.42
CA GLY A 114 4.03 0.90 6.73
C GLY A 114 4.08 2.40 6.56
N HIS A 115 4.21 3.06 7.70
CA HIS A 115 4.28 4.51 7.69
C HIS A 115 5.26 4.97 8.77
N ASP A 116 6.15 5.91 8.37
CA ASP A 116 7.13 6.48 9.27
C ASP A 116 6.96 8.01 9.35
N THR A 117 7.03 8.57 10.57
N THR A 117 7.01 8.60 10.55
CA THR A 117 7.05 10.01 10.72
CA THR A 117 7.08 10.04 10.67
C THR A 117 8.40 10.38 11.32
C THR A 117 8.41 10.37 11.30
N PHE A 118 9.05 11.35 10.70
CA PHE A 118 10.38 11.79 11.08
C PHE A 118 10.37 13.16 11.66
N THR A 119 11.18 13.37 12.69
CA THR A 119 11.38 14.73 13.23
C THR A 119 12.87 14.93 13.47
N LYS A 120 13.25 16.17 13.74
CA LYS A 120 14.67 16.41 13.98
C LYS A 120 14.99 16.22 15.47
N VAL A 121 13.98 15.88 16.29
CA VAL A 121 14.18 15.64 17.75
C VAL A 121 14.83 14.29 18.12
N LYS A 122 15.98 14.38 18.83
CA LYS A 122 16.86 13.20 19.09
C LYS A 122 16.29 12.19 20.11
N GLU B 2 21.11 -6.98 -12.46
CA GLU B 2 22.55 -6.58 -12.21
C GLU B 2 23.02 -5.62 -13.28
N ALA B 3 23.77 -6.16 -14.26
CA ALA B 3 23.96 -5.53 -15.56
C ALA B 3 22.62 -5.53 -16.33
N GLY B 4 21.82 -6.61 -16.12
CA GLY B 4 20.49 -6.87 -16.72
C GLY B 4 19.45 -5.81 -16.47
N ILE B 5 19.65 -4.96 -15.50
CA ILE B 5 18.73 -3.87 -15.24
C ILE B 5 18.94 -2.65 -16.17
N THR B 6 20.18 -2.37 -16.56
CA THR B 6 20.44 -1.16 -17.37
C THR B 6 19.70 -1.25 -18.67
N GLY B 7 19.06 -0.16 -19.09
CA GLY B 7 18.46 -0.10 -20.41
C GLY B 7 17.07 0.49 -20.29
N THR B 8 16.28 0.25 -21.31
CA THR B 8 14.92 0.81 -21.41
C THR B 8 13.87 -0.27 -21.10
N TRP B 9 12.90 0.17 -20.29
CA TRP B 9 11.83 -0.69 -19.82
C TRP B 9 10.52 -0.01 -20.08
N TYR B 10 9.45 -0.78 -20.25
CA TYR B 10 8.13 -0.18 -20.49
C TYR B 10 7.12 -0.84 -19.60
N ASN B 11 6.13 -0.07 -19.09
CA ASN B 11 5.14 -0.67 -18.21
C ASN B 11 3.82 -0.86 -18.94
N GLN B 12 2.86 -1.39 -18.19
CA GLN B 12 1.58 -1.70 -18.77
C GLN B 12 0.78 -0.48 -19.27
N LEU B 13 1.12 0.72 -18.73
CA LEU B 13 0.55 1.99 -19.16
C LEU B 13 1.21 2.55 -20.37
N GLY B 14 2.34 1.97 -20.81
CA GLY B 14 3.16 2.49 -21.91
C GLY B 14 4.15 3.54 -21.50
N SER B 15 4.39 3.71 -20.19
CA SER B 15 5.48 4.58 -19.70
C SER B 15 6.83 4.01 -19.98
N THR B 16 7.83 4.87 -20.08
CA THR B 16 9.19 4.49 -20.48
C THR B 16 10.16 4.80 -19.37
N PHE B 17 10.83 3.78 -18.88
CA PHE B 17 11.80 3.81 -17.74
C PHE B 17 13.18 3.55 -18.30
N ILE B 18 14.06 4.57 -18.31
CA ILE B 18 15.41 4.37 -18.90
C ILE B 18 16.40 4.46 -17.72
N VAL B 19 17.15 3.41 -17.44
CA VAL B 19 17.95 3.34 -16.22
C VAL B 19 19.32 2.79 -16.49
N THR B 20 20.27 3.26 -15.66
CA THR B 20 21.62 2.65 -15.59
C THR B 20 21.82 2.16 -14.20
N ALA B 21 22.19 0.88 -14.10
CA ALA B 21 22.51 0.27 -12.78
C ALA B 21 24.02 0.30 -12.58
N GLY B 22 24.47 1.07 -11.62
CA GLY B 22 25.92 1.20 -11.36
C GLY B 22 26.42 0.02 -10.53
N ALA B 23 27.75 -0.21 -10.53
CA ALA B 23 28.35 -1.46 -10.05
C ALA B 23 27.99 -1.76 -8.59
N ASP B 24 27.88 -0.73 -7.76
CA ASP B 24 27.62 -1.06 -6.36
C ASP B 24 26.22 -0.78 -5.82
N GLY B 25 25.29 -0.45 -6.73
CA GLY B 25 23.94 -0.28 -6.25
C GLY B 25 23.19 0.95 -6.69
N ALA B 26 23.81 1.84 -7.44
CA ALA B 26 23.12 3.06 -7.85
C ALA B 26 22.18 2.81 -9.03
N LEU B 27 21.05 3.47 -9.03
CA LEU B 27 20.19 3.59 -10.24
C LEU B 27 20.08 5.04 -10.60
N THR B 28 20.26 5.36 -11.87
CA THR B 28 20.14 6.73 -12.37
CA THR B 28 20.05 6.73 -12.34
C THR B 28 19.43 6.63 -13.69
N GLY B 29 18.64 7.61 -14.06
CA GLY B 29 18.03 7.57 -15.40
C GLY B 29 16.89 8.54 -15.51
N THR B 30 15.98 8.23 -16.46
CA THR B 30 14.83 9.12 -16.69
C THR B 30 13.56 8.29 -16.79
N TYR B 31 12.45 8.95 -16.49
CA TYR B 31 11.15 8.34 -16.54
C TYR B 31 10.24 9.24 -17.38
N GLU B 32 9.44 8.62 -18.25
CA GLU B 32 8.44 9.36 -19.03
C GLU B 32 7.12 8.64 -18.85
N SER B 33 6.19 9.32 -18.19
CA SER B 33 4.92 8.69 -17.91
C SER B 33 3.95 8.87 -19.07
N ALA B 34 3.21 7.79 -19.37
CA ALA B 34 2.16 7.84 -20.38
C ALA B 34 0.91 8.51 -19.82
N VAL B 35 0.77 8.67 -18.50
CA VAL B 35 -0.41 9.18 -17.85
C VAL B 35 -0.14 10.23 -16.82
N GLY B 36 -1.19 10.98 -16.44
CA GLY B 36 -1.11 11.85 -15.32
C GLY B 36 -0.47 13.18 -15.62
N ASN B 37 -0.07 13.86 -14.56
CA ASN B 37 0.35 15.24 -14.66
C ASN B 37 1.82 15.32 -14.93
N ALA B 38 2.14 14.99 -16.18
CA ALA B 38 3.54 14.67 -16.57
C ALA B 38 3.65 14.96 -18.06
N GLU B 39 4.83 15.45 -18.48
CA GLU B 39 5.20 15.52 -19.92
C GLU B 39 6.73 15.37 -19.97
N SER B 40 7.18 14.74 -21.03
CA SER B 40 8.63 14.57 -21.29
C SER B 40 9.29 13.78 -20.19
N ARG B 41 10.61 13.93 -20.08
CA ARG B 41 11.35 13.05 -19.17
C ARG B 41 11.57 13.68 -17.84
N TYR B 42 11.63 12.84 -16.77
CA TYR B 42 11.98 13.33 -15.42
C TYR B 42 13.16 12.56 -14.91
N VAL B 43 13.98 13.22 -14.08
CA VAL B 43 15.08 12.56 -13.43
C VAL B 43 14.57 11.52 -12.47
N LEU B 44 15.24 10.38 -12.42
CA LEU B 44 15.03 9.41 -11.34
C LEU B 44 16.37 9.00 -10.71
N THR B 45 16.31 8.62 -9.43
CA THR B 45 17.48 7.97 -8.84
C THR B 45 16.91 6.91 -7.90
N GLY B 46 17.71 5.88 -7.66
CA GLY B 46 17.29 4.83 -6.77
C GLY B 46 18.48 3.94 -6.38
N ARG B 47 18.14 2.80 -5.87
CA ARG B 47 19.17 1.85 -5.36
C ARG B 47 18.70 0.43 -5.71
N TYR B 48 19.64 -0.50 -5.92
CA TYR B 48 19.30 -1.90 -6.11
C TYR B 48 20.31 -2.74 -5.37
N ASP B 49 19.94 -4.01 -5.10
CA ASP B 49 20.85 -4.98 -4.47
C ASP B 49 21.83 -5.45 -5.52
N SER B 50 23.09 -5.07 -5.36
CA SER B 50 24.12 -5.40 -6.37
C SER B 50 24.70 -6.79 -6.18
N ALA B 51 24.21 -7.55 -5.18
CA ALA B 51 24.64 -8.98 -5.03
C ALA B 51 23.42 -9.78 -4.56
N PRO B 52 22.47 -10.04 -5.46
CA PRO B 52 21.23 -10.77 -5.10
C PRO B 52 21.55 -12.21 -4.69
N ALA B 53 20.53 -12.84 -4.11
CA ALA B 53 20.64 -14.14 -3.44
C ALA B 53 21.03 -15.20 -4.41
N THR B 54 21.77 -16.18 -3.91
CA THR B 54 22.30 -17.27 -4.73
C THR B 54 21.21 -18.19 -5.29
N ASP B 55 20.01 -18.14 -4.69
CA ASP B 55 18.89 -19.08 -5.07
C ASP B 55 18.09 -18.57 -6.26
N GLY B 56 18.54 -17.43 -6.80
CA GLY B 56 17.91 -16.85 -7.99
C GLY B 56 16.62 -16.08 -7.73
N SER B 57 16.45 -15.79 -6.46
CA SER B 57 15.44 -14.82 -6.04
C SER B 57 15.62 -13.50 -6.85
N GLY B 58 14.55 -12.74 -6.95
CA GLY B 58 14.61 -11.46 -7.61
C GLY B 58 15.58 -10.50 -6.93
N THR B 59 15.97 -9.48 -7.71
CA THR B 59 16.91 -8.41 -7.25
C THR B 59 16.04 -7.24 -6.74
N ALA B 60 16.07 -6.99 -5.41
CA ALA B 60 15.28 -5.90 -4.87
C ALA B 60 15.80 -4.54 -5.34
N LEU B 61 14.91 -3.61 -5.61
CA LEU B 61 15.35 -2.27 -6.02
C LEU B 61 14.20 -1.32 -5.75
N GLY B 62 14.51 -0.05 -5.82
CA GLY B 62 13.52 0.97 -5.79
C GLY B 62 14.06 2.29 -6.36
N TRP B 63 13.17 3.15 -6.84
CA TRP B 63 13.58 4.45 -7.32
C TRP B 63 12.49 5.49 -7.12
N THR B 64 12.90 6.75 -7.22
CA THR B 64 12.01 7.88 -7.00
C THR B 64 12.04 8.80 -8.22
N VAL B 65 10.87 9.34 -8.56
CA VAL B 65 10.70 10.48 -9.49
C VAL B 65 10.01 11.59 -8.71
N ALA B 66 10.58 12.81 -8.64
CA ALA B 66 9.80 14.01 -8.24
C ALA B 66 9.35 14.61 -9.56
N TRP B 67 8.04 14.85 -9.64
CA TRP B 67 7.42 15.24 -10.91
C TRP B 67 7.54 16.72 -11.29
N LYS B 68 8.79 17.17 -11.24
CA LYS B 68 9.22 18.50 -11.66
C LYS B 68 10.31 18.33 -12.72
N ASN B 69 10.10 18.98 -13.83
CA ASN B 69 11.14 19.06 -14.84
C ASN B 69 11.08 20.50 -15.41
N ASN B 70 11.80 20.77 -16.51
CA ASN B 70 11.84 22.13 -17.02
C ASN B 70 10.54 22.63 -17.57
N TYR B 71 9.59 21.74 -17.81
CA TYR B 71 8.33 22.06 -18.49
C TYR B 71 7.14 22.11 -17.57
N ARG B 72 7.20 21.32 -16.44
CA ARG B 72 6.00 21.08 -15.67
C ARG B 72 6.36 20.75 -14.24
N ASN B 73 5.51 21.11 -13.29
CA ASN B 73 5.72 20.67 -11.88
C ASN B 73 4.38 20.30 -11.25
N ALA B 74 4.21 19.02 -10.98
CA ALA B 74 3.00 18.46 -10.43
C ALA B 74 2.95 18.49 -8.92
N HIS B 75 4.04 18.90 -8.29
CA HIS B 75 4.10 18.96 -6.82
C HIS B 75 3.80 17.59 -6.24
N SER B 76 4.51 16.58 -6.67
CA SER B 76 4.24 15.21 -6.31
C SER B 76 5.51 14.40 -6.57
N ALA B 77 5.58 13.20 -5.98
CA ALA B 77 6.70 12.29 -6.11
C ALA B 77 6.22 10.88 -6.05
N THR B 78 6.74 10.02 -6.92
CA THR B 78 6.43 8.59 -6.86
C THR B 78 7.65 7.82 -6.50
N THR B 79 7.46 6.79 -5.64
CA THR B 79 8.49 5.77 -5.43
C THR B 79 7.97 4.42 -5.90
N TRP B 80 8.81 3.71 -6.66
CA TRP B 80 8.51 2.30 -7.03
C TRP B 80 9.42 1.43 -6.19
N SER B 81 8.85 0.36 -5.60
CA SER B 81 9.59 -0.58 -4.80
C SER B 81 9.36 -1.95 -5.42
N GLY B 82 10.39 -2.75 -5.74
CA GLY B 82 10.00 -3.97 -6.42
C GLY B 82 11.19 -4.88 -6.51
N GLN B 83 11.15 -5.75 -7.54
CA GLN B 83 12.22 -6.70 -7.76
C GLN B 83 12.34 -7.01 -9.24
N TYR B 84 13.58 -7.09 -9.70
CA TYR B 84 13.97 -7.42 -11.08
C TYR B 84 14.12 -8.92 -11.14
N VAL B 85 13.58 -9.52 -12.20
CA VAL B 85 13.78 -11.00 -12.49
C VAL B 85 14.30 -11.06 -13.94
N GLY B 86 15.40 -11.73 -14.18
CA GLY B 86 15.97 -11.75 -15.54
C GLY B 86 15.44 -12.90 -16.36
N GLY B 87 16.09 -13.18 -17.48
CA GLY B 87 15.74 -14.36 -18.24
C GLY B 87 14.89 -14.01 -19.43
N ALA B 88 14.32 -15.04 -20.08
CA ALA B 88 13.52 -14.84 -21.27
C ALA B 88 12.29 -13.98 -21.05
N GLU B 89 11.78 -13.96 -19.83
CA GLU B 89 10.61 -13.14 -19.60
C GLU B 89 11.00 -12.08 -18.60
N ALA B 90 12.11 -11.37 -18.85
CA ALA B 90 12.63 -10.44 -17.80
C ALA B 90 11.61 -9.40 -17.44
N ARG B 91 11.58 -9.04 -16.17
N ARG B 91 11.54 -9.06 -16.18
CA ARG B 91 10.50 -8.20 -15.68
CA ARG B 91 10.58 -8.01 -15.81
C ARG B 91 11.06 -7.37 -14.52
C ARG B 91 11.00 -7.38 -14.52
N ILE B 92 10.48 -6.18 -14.30
CA ILE B 92 10.68 -5.52 -13.01
C ILE B 92 9.25 -5.36 -12.46
N ASN B 93 8.97 -6.11 -11.39
CA ASN B 93 7.63 -6.11 -10.76
C ASN B 93 7.62 -5.15 -9.60
N THR B 94 6.77 -4.10 -9.66
CA THR B 94 6.80 -3.07 -8.61
C THR B 94 5.44 -2.76 -8.04
N GLN B 95 5.49 -2.18 -6.87
CA GLN B 95 4.34 -1.45 -6.32
C GLN B 95 4.80 -0.03 -6.12
N TRP B 96 3.92 0.94 -6.18
CA TRP B 96 4.38 2.32 -6.12
C TRP B 96 3.48 3.15 -5.21
N LEU B 97 4.02 4.25 -4.68
CA LEU B 97 3.33 5.21 -3.83
C LEU B 97 3.56 6.60 -4.47
N LEU B 98 2.50 7.26 -4.86
CA LEU B 98 2.56 8.58 -5.50
C LEU B 98 2.00 9.58 -4.46
N THR B 99 2.88 10.38 -3.85
CA THR B 99 2.45 11.36 -2.83
C THR B 99 2.44 12.75 -3.43
N SER B 100 1.32 13.40 -3.32
CA SER B 100 1.21 14.81 -3.72
C SER B 100 1.43 15.66 -2.53
N GLY B 101 1.98 16.87 -2.76
CA GLY B 101 2.08 17.85 -1.64
C GLY B 101 0.64 18.29 -1.32
N THR B 102 0.27 18.33 -0.05
CA THR B 102 -1.09 18.73 0.27
C THR B 102 -1.03 19.55 1.51
N THR B 103 -2.13 20.25 1.83
CA THR B 103 -2.16 20.87 3.16
C THR B 103 -2.29 19.73 4.20
N GLU B 104 -2.09 20.03 5.47
CA GLU B 104 -2.12 18.99 6.52
C GLU B 104 -3.54 18.43 6.56
N ALA B 105 -4.54 19.28 6.38
CA ALA B 105 -5.94 18.83 6.49
C ALA B 105 -6.14 17.77 5.42
N ASN B 106 -5.57 17.94 4.21
CA ASN B 106 -5.81 16.99 3.08
C ASN B 106 -4.82 15.85 3.03
N ALA B 107 -3.97 15.74 4.04
CA ALA B 107 -2.91 14.77 3.95
C ALA B 107 -3.49 13.32 3.84
N TRP B 108 -4.68 13.05 4.40
CA TRP B 108 -5.23 11.72 4.33
C TRP B 108 -5.44 11.26 2.87
N LYS B 109 -5.56 12.20 1.93
CA LYS B 109 -5.78 11.84 0.49
C LYS B 109 -4.58 12.23 -0.34
N SER B 110 -3.38 12.23 0.27
CA SER B 110 -2.17 12.63 -0.46
C SER B 110 -1.59 11.53 -1.26
N THR B 111 -1.89 10.25 -0.99
CA THR B 111 -1.04 9.15 -1.53
C THR B 111 -1.88 8.15 -2.31
N LEU B 112 -1.59 8.04 -3.60
CA LEU B 112 -2.13 6.92 -4.44
C LEU B 112 -1.17 5.74 -4.34
N VAL B 113 -1.72 4.55 -4.50
CA VAL B 113 -0.91 3.31 -4.52
C VAL B 113 -1.33 2.51 -5.75
N GLY B 114 -0.37 1.89 -6.36
CA GLY B 114 -0.60 0.99 -7.51
C GLY B 114 0.54 0.05 -7.77
N HIS B 115 0.46 -0.62 -8.91
CA HIS B 115 1.48 -1.64 -9.21
C HIS B 115 1.77 -1.50 -10.69
N ASP B 116 3.04 -1.45 -11.01
CA ASP B 116 3.50 -1.42 -12.42
C ASP B 116 4.41 -2.64 -12.70
N THR B 117 4.21 -3.27 -13.84
CA THR B 117 5.10 -4.32 -14.28
C THR B 117 5.84 -3.81 -15.53
N PHE B 118 7.18 -3.85 -15.48
CA PHE B 118 7.99 -3.38 -16.56
C PHE B 118 8.53 -4.55 -17.30
N THR B 119 8.54 -4.40 -18.65
CA THR B 119 9.10 -5.43 -19.51
C THR B 119 10.02 -4.80 -20.50
N LYS B 120 10.85 -5.59 -21.17
CA LYS B 120 11.72 -5.04 -22.22
C LYS B 120 11.06 -4.70 -23.53
N VAL B 121 9.90 -5.27 -23.78
CA VAL B 121 9.08 -4.86 -24.95
C VAL B 121 7.78 -4.11 -24.59
N LYS B 122 7.43 -3.09 -25.37
CA LYS B 122 6.23 -2.24 -25.09
CA LYS B 122 6.26 -2.27 -25.00
C LYS B 122 5.03 -3.14 -25.12
N PRO B 123 4.11 -3.06 -24.12
CA PRO B 123 2.98 -4.04 -24.28
C PRO B 123 1.91 -3.64 -25.31
N GLU C 2 -25.44 -8.00 -8.13
CA GLU C 2 -26.86 -8.53 -8.16
C GLU C 2 -27.34 -9.48 -9.40
N ALA C 3 -26.43 -10.16 -10.15
CA ALA C 3 -24.98 -9.98 -10.05
C ALA C 3 -24.03 -10.60 -11.09
N GLY C 4 -23.46 -9.67 -11.87
CA GLY C 4 -22.13 -9.76 -12.39
C GLY C 4 -21.07 -10.20 -11.35
N ILE C 5 -21.08 -9.58 -10.14
CA ILE C 5 -20.10 -9.89 -9.09
C ILE C 5 -20.37 -11.29 -8.52
N THR C 6 -21.62 -11.67 -8.41
CA THR C 6 -21.92 -13.04 -7.87
C THR C 6 -21.29 -14.11 -8.74
N GLY C 7 -20.60 -15.07 -8.13
CA GLY C 7 -19.99 -16.17 -8.86
C GLY C 7 -18.76 -16.71 -8.15
N THR C 8 -18.10 -17.56 -8.88
CA THR C 8 -16.84 -18.14 -8.48
C THR C 8 -15.70 -17.51 -9.29
N TRP C 9 -14.74 -16.95 -8.55
CA TRP C 9 -13.61 -16.24 -9.16
C TRP C 9 -12.29 -16.88 -8.76
N TYR C 10 -11.26 -16.74 -9.59
CA TYR C 10 -9.93 -17.27 -9.31
C TYR C 10 -8.92 -16.17 -9.55
N ASN C 11 -7.91 -16.05 -8.67
CA ASN C 11 -6.86 -15.07 -8.93
C ASN C 11 -5.62 -15.66 -9.54
N GLN C 12 -4.61 -14.83 -9.75
CA GLN C 12 -3.38 -15.27 -10.44
C GLN C 12 -2.59 -16.28 -9.68
N LEU C 13 -2.90 -16.46 -8.41
CA LEU C 13 -2.23 -17.46 -7.54
C LEU C 13 -3.01 -18.80 -7.59
N GLY C 14 -4.22 -18.80 -8.19
CA GLY C 14 -5.08 -20.00 -8.17
C GLY C 14 -6.02 -20.06 -6.98
N SER C 15 -6.04 -19.04 -6.14
CA SER C 15 -7.00 -18.96 -5.02
C SER C 15 -8.42 -18.79 -5.55
N THR C 16 -9.37 -19.29 -4.73
CA THR C 16 -10.80 -19.32 -5.10
C THR C 16 -11.63 -18.42 -4.24
N PHE C 17 -12.32 -17.46 -4.88
CA PHE C 17 -13.18 -16.47 -4.21
C PHE C 17 -14.63 -16.76 -4.66
N ILE C 18 -15.46 -17.21 -3.74
CA ILE C 18 -16.86 -17.54 -4.05
C ILE C 18 -17.70 -16.51 -3.35
N VAL C 19 -18.44 -15.74 -4.12
CA VAL C 19 -19.08 -14.55 -3.54
C VAL C 19 -20.52 -14.42 -4.04
N THR C 20 -21.38 -13.93 -3.15
CA THR C 20 -22.70 -13.47 -3.54
C THR C 20 -22.83 -12.00 -3.23
N ALA C 21 -23.32 -11.27 -4.21
CA ALA C 21 -23.57 -9.85 -4.11
C ALA C 21 -25.05 -9.60 -3.86
N GLY C 22 -25.38 -9.13 -2.65
CA GLY C 22 -26.79 -8.93 -2.23
C GLY C 22 -27.30 -7.60 -2.82
N ALA C 23 -28.61 -7.44 -2.90
CA ALA C 23 -29.20 -6.28 -3.64
C ALA C 23 -28.88 -4.90 -3.05
N ASP C 24 -28.51 -4.87 -1.76
CA ASP C 24 -28.26 -3.63 -1.10
C ASP C 24 -26.83 -3.39 -0.77
N GLY C 25 -25.92 -4.14 -1.33
CA GLY C 25 -24.54 -3.82 -1.10
C GLY C 25 -23.73 -4.84 -0.34
N ALA C 26 -24.34 -5.93 0.11
CA ALA C 26 -23.58 -6.98 0.87
C ALA C 26 -22.78 -7.92 0.02
N LEU C 27 -21.59 -8.27 0.48
CA LEU C 27 -20.85 -9.38 -0.11
C LEU C 27 -20.73 -10.42 0.97
N THR C 28 -20.99 -11.67 0.61
CA THR C 28 -20.75 -12.79 1.54
C THR C 28 -20.19 -13.91 0.72
N GLY C 29 -19.46 -14.80 1.35
CA GLY C 29 -18.97 -15.98 0.64
C GLY C 29 -17.82 -16.64 1.34
N THR C 30 -16.98 -17.29 0.53
CA THR C 30 -15.83 -18.02 1.06
C THR C 30 -14.60 -17.72 0.22
N TYR C 31 -13.42 -17.86 0.85
CA TYR C 31 -12.17 -17.67 0.19
C TYR C 31 -11.28 -18.81 0.51
N GLU C 32 -10.55 -19.31 -0.46
CA GLU C 32 -9.58 -20.39 -0.25
C GLU C 32 -8.31 -19.91 -0.90
N SER C 33 -7.28 -19.70 -0.09
CA SER C 33 -5.97 -19.26 -0.66
C SER C 33 -5.16 -20.44 -1.09
N ALA C 34 -4.53 -20.29 -2.24
CA ALA C 34 -3.60 -21.31 -2.69
C ALA C 34 -2.25 -21.16 -2.01
N VAL C 35 -2.01 -20.10 -1.24
CA VAL C 35 -0.69 -19.85 -0.66
C VAL C 35 -0.83 -19.40 0.75
N GLY C 36 0.27 -19.46 1.51
CA GLY C 36 0.31 -18.84 2.85
C GLY C 36 -0.15 -19.82 3.92
N ASN C 37 -0.36 -19.28 5.10
CA ASN C 37 -0.70 -20.10 6.29
C ASN C 37 -2.23 -20.24 6.33
N ALA C 38 -2.73 -21.09 5.45
CA ALA C 38 -4.11 -21.20 5.15
C ALA C 38 -4.37 -22.59 4.59
N GLU C 39 -5.54 -23.13 4.96
CA GLU C 39 -6.04 -24.34 4.23
C GLU C 39 -7.53 -24.33 4.17
N SER C 40 -8.04 -24.88 3.07
CA SER C 40 -9.49 -24.93 2.85
C SER C 40 -10.17 -23.55 2.85
N ARG C 41 -11.45 -23.44 3.21
CA ARG C 41 -12.22 -22.24 2.99
C ARG C 41 -12.34 -21.41 4.27
N TYR C 42 -12.39 -20.11 4.08
CA TYR C 42 -12.60 -19.16 5.13
C TYR C 42 -13.75 -18.27 4.83
N VAL C 43 -14.47 -17.85 5.88
CA VAL C 43 -15.57 -16.94 5.68
C VAL C 43 -15.06 -15.55 5.21
N LEU C 44 -15.81 -14.89 4.29
CA LEU C 44 -15.54 -13.50 3.99
C LEU C 44 -16.83 -12.71 4.11
N THR C 45 -16.70 -11.39 4.38
CA THR C 45 -17.79 -10.46 4.17
C THR C 45 -17.23 -9.19 3.64
N GLY C 46 -18.09 -8.43 2.93
CA GLY C 46 -17.63 -7.15 2.37
C GLY C 46 -18.80 -6.36 1.90
N ARG C 47 -18.50 -5.33 1.10
CA ARG C 47 -19.55 -4.42 0.62
C ARG C 47 -19.18 -4.02 -0.79
N TYR C 48 -20.19 -3.68 -1.58
CA TYR C 48 -19.89 -3.18 -2.93
C TYR C 48 -20.87 -2.05 -3.22
N ASP C 49 -20.55 -1.24 -4.24
CA ASP C 49 -21.47 -0.15 -4.66
C ASP C 49 -22.63 -0.76 -5.48
N SER C 50 -23.82 -0.77 -4.89
CA SER C 50 -24.97 -1.39 -5.54
C SER C 50 -25.69 -0.49 -6.56
N ALA C 51 -25.15 0.69 -6.83
CA ALA C 51 -25.68 1.57 -7.89
C ALA C 51 -24.47 2.29 -8.53
N PRO C 52 -23.61 1.53 -9.25
CA PRO C 52 -22.40 2.14 -9.88
C PRO C 52 -22.74 3.15 -10.93
N ALA C 53 -21.77 4.00 -11.21
CA ALA C 53 -21.92 4.92 -12.33
C ALA C 53 -22.18 4.19 -13.66
N THR C 54 -22.80 4.88 -14.60
CA THR C 54 -23.17 4.27 -15.84
C THR C 54 -22.30 4.84 -16.97
N ASP C 55 -21.16 5.42 -16.64
CA ASP C 55 -20.32 6.06 -17.64
C ASP C 55 -19.20 5.15 -18.10
N GLY C 56 -19.24 3.83 -17.80
CA GLY C 56 -18.10 2.89 -18.14
C GLY C 56 -17.15 2.68 -16.97
N SER C 57 -17.43 3.32 -15.85
CA SER C 57 -16.60 3.11 -14.70
C SER C 57 -16.89 1.71 -14.08
N GLY C 58 -15.89 1.12 -13.43
CA GLY C 58 -16.04 -0.06 -12.60
C GLY C 58 -16.91 0.16 -11.37
N THR C 59 -17.14 -0.95 -10.72
CA THR C 59 -17.98 -0.97 -9.52
C THR C 59 -17.07 -1.20 -8.30
N ALA C 60 -16.98 -0.21 -7.42
CA ALA C 60 -16.06 -0.37 -6.28
C ALA C 60 -16.57 -1.43 -5.29
N LEU C 61 -15.64 -2.13 -4.64
CA LEU C 61 -16.02 -3.14 -3.66
C LEU C 61 -14.84 -3.40 -2.78
N GLY C 62 -15.07 -4.11 -1.67
CA GLY C 62 -14.01 -4.64 -0.85
C GLY C 62 -14.51 -5.77 0.02
N TRP C 63 -13.60 -6.61 0.54
CA TRP C 63 -13.99 -7.64 1.45
C TRP C 63 -12.84 -8.02 2.37
N THR C 64 -13.17 -8.74 3.46
CA THR C 64 -12.19 -9.18 4.47
C THR C 64 -12.29 -10.66 4.67
N VAL C 65 -11.12 -11.27 4.88
CA VAL C 65 -11.03 -12.60 5.44
C VAL C 65 -10.21 -12.54 6.72
N ALA C 66 -10.72 -13.08 7.86
CA ALA C 66 -9.76 -13.42 8.99
C ALA C 66 -9.38 -14.82 8.84
N TRP C 67 -8.08 -15.10 9.00
CA TRP C 67 -7.58 -16.40 8.57
C TRP C 67 -7.67 -17.42 9.72
N LYS C 68 -8.89 -17.56 10.25
CA LYS C 68 -9.23 -18.56 11.24
C LYS C 68 -10.38 -19.40 10.72
N ASN C 69 -10.23 -20.71 10.66
CA ASN C 69 -11.33 -21.57 10.35
C ASN C 69 -11.21 -22.81 11.24
N ASN C 70 -11.91 -23.89 10.91
CA ASN C 70 -11.91 -25.02 11.80
C ASN C 70 -10.62 -25.79 11.83
N TYR C 71 -9.76 -25.54 10.84
CA TYR C 71 -8.53 -26.27 10.70
C TYR C 71 -7.28 -25.53 11.22
N ARG C 72 -7.26 -24.24 11.09
CA ARG C 72 -6.07 -23.49 11.30
C ARG C 72 -6.35 -22.06 11.71
N ASN C 73 -5.41 -21.37 12.40
CA ASN C 73 -5.62 -19.92 12.69
C ASN C 73 -4.27 -19.28 12.53
N ALA C 74 -4.14 -18.42 11.53
CA ALA C 74 -2.88 -17.75 11.28
C ALA C 74 -2.73 -16.44 12.04
N HIS C 75 -3.74 -16.08 12.83
CA HIS C 75 -3.75 -14.78 13.55
C HIS C 75 -3.41 -13.61 12.58
N SER C 76 -4.26 -13.52 11.54
CA SER C 76 -4.02 -12.51 10.49
C SER C 76 -5.35 -12.24 9.78
N ALA C 77 -5.36 -11.16 9.02
CA ALA C 77 -6.56 -10.86 8.26
C ALA C 77 -6.09 -10.16 6.98
N THR C 78 -6.79 -10.46 5.90
CA THR C 78 -6.59 -9.71 4.63
C THR C 78 -7.81 -8.96 4.22
N THR C 79 -7.61 -7.72 3.75
CA THR C 79 -8.69 -7.03 3.05
C THR C 79 -8.29 -6.80 1.61
N TRP C 80 -9.25 -6.95 0.69
CA TRP C 80 -9.04 -6.62 -0.74
C TRP C 80 -9.94 -5.44 -1.02
N SER C 81 -9.36 -4.41 -1.68
CA SER C 81 -10.12 -3.24 -2.11
C SER C 81 -9.94 -3.13 -3.60
N GLY C 82 -11.01 -2.96 -4.35
CA GLY C 82 -10.82 -2.87 -5.77
C GLY C 82 -12.06 -2.49 -6.55
N GLN C 83 -12.12 -2.96 -7.83
CA GLN C 83 -13.35 -2.68 -8.57
C GLN C 83 -13.59 -3.85 -9.51
N TYR C 84 -14.88 -4.07 -9.73
CA TYR C 84 -15.33 -5.04 -10.70
C TYR C 84 -15.54 -4.36 -12.03
N VAL C 85 -15.00 -4.97 -13.08
CA VAL C 85 -15.14 -4.43 -14.43
C VAL C 85 -15.91 -5.56 -15.15
N GLY C 86 -17.16 -5.26 -15.61
CA GLY C 86 -18.00 -6.28 -16.20
C GLY C 86 -17.67 -6.46 -17.69
N GLY C 87 -18.56 -7.16 -18.39
CA GLY C 87 -18.45 -7.40 -19.86
C GLY C 87 -17.77 -8.71 -20.13
N ALA C 88 -17.12 -8.82 -21.30
CA ALA C 88 -15.98 -9.74 -21.47
C ALA C 88 -14.59 -8.96 -21.27
N GLU C 89 -13.58 -9.58 -20.61
CA GLU C 89 -13.76 -10.75 -19.76
C GLU C 89 -13.95 -10.06 -18.45
N ALA C 90 -14.98 -10.47 -17.73
CA ALA C 90 -15.23 -9.83 -16.41
C ALA C 90 -14.02 -10.02 -15.50
N ARG C 91 -13.78 -9.01 -14.69
CA ARG C 91 -12.62 -9.06 -13.83
C ARG C 91 -12.84 -8.28 -12.58
N ILE C 92 -12.15 -8.73 -11.49
CA ILE C 92 -12.18 -7.89 -10.27
C ILE C 92 -10.68 -7.59 -10.01
N ASN C 93 -10.34 -6.29 -10.08
CA ASN C 93 -8.95 -5.87 -9.93
C ASN C 93 -8.81 -5.31 -8.55
N THR C 94 -7.87 -5.86 -7.74
CA THR C 94 -7.75 -5.47 -6.34
C THR C 94 -6.33 -5.13 -5.95
N GLN C 95 -6.24 -4.39 -4.85
CA GLN C 95 -5.01 -4.33 -4.01
C GLN C 95 -5.43 -4.84 -2.64
N TRP C 96 -4.51 -5.46 -1.92
CA TRP C 96 -4.84 -6.01 -0.61
C TRP C 96 -3.83 -5.68 0.43
N LEU C 97 -4.30 -5.75 1.69
CA LEU C 97 -3.47 -5.54 2.90
C LEU C 97 -3.65 -6.76 3.79
N LEU C 98 -2.58 -7.42 4.15
CA LEU C 98 -2.63 -8.59 5.04
C LEU C 98 -1.97 -8.22 6.31
N THR C 99 -2.74 -8.01 7.39
CA THR C 99 -2.15 -7.63 8.62
C THR C 99 -2.13 -8.86 9.58
N SER C 100 -0.96 -9.13 10.20
CA SER C 100 -0.83 -10.15 11.20
C SER C 100 -0.93 -9.53 12.58
N GLY C 101 -1.48 -10.28 13.53
CA GLY C 101 -1.39 -9.76 14.91
C GLY C 101 0.08 -9.90 15.37
N THR C 102 0.61 -8.82 15.92
CA THR C 102 2.02 -8.82 16.32
C THR C 102 2.16 -8.15 17.66
N THR C 103 3.34 -8.31 18.26
CA THR C 103 3.68 -7.49 19.43
C THR C 103 3.84 -6.04 18.93
N GLU C 104 3.89 -5.12 19.90
CA GLU C 104 4.19 -3.73 19.54
C GLU C 104 5.56 -3.62 18.89
N ALA C 105 6.57 -4.35 19.36
CA ALA C 105 7.94 -4.24 18.81
C ALA C 105 7.99 -4.67 17.36
N ASN C 106 7.12 -5.62 16.97
CA ASN C 106 7.05 -6.11 15.60
C ASN C 106 6.01 -5.47 14.72
N ALA C 107 5.29 -4.48 15.23
CA ALA C 107 4.16 -3.90 14.47
C ALA C 107 4.64 -3.26 13.19
N TRP C 108 5.88 -2.80 13.11
CA TRP C 108 6.37 -2.18 11.84
C TRP C 108 6.30 -3.15 10.70
N LYS C 109 6.38 -4.46 10.96
CA LYS C 109 6.39 -5.51 9.91
C LYS C 109 5.10 -6.31 10.00
N SER C 110 4.00 -5.72 10.48
CA SER C 110 2.71 -6.43 10.57
C SER C 110 2.00 -6.60 9.24
N THR C 111 2.29 -5.76 8.21
CA THR C 111 1.32 -5.66 7.07
C THR C 111 1.99 -5.88 5.73
N LEU C 112 1.54 -6.92 5.06
CA LEU C 112 1.96 -7.17 3.67
C LEU C 112 0.99 -6.45 2.73
N VAL C 113 1.49 -6.08 1.56
CA VAL C 113 0.63 -5.43 0.51
C VAL C 113 0.84 -6.13 -0.82
N GLY C 114 -0.23 -6.32 -1.58
CA GLY C 114 -0.06 -6.92 -2.87
C GLY C 114 -1.26 -6.57 -3.73
N HIS C 115 -1.36 -7.23 -4.90
CA HIS C 115 -2.44 -6.98 -5.79
C HIS C 115 -2.89 -8.30 -6.43
N ASP C 116 -4.20 -8.53 -6.43
CA ASP C 116 -4.73 -9.73 -7.01
C ASP C 116 -5.75 -9.37 -8.04
N THR C 117 -5.68 -10.07 -9.19
CA THR C 117 -6.68 -9.90 -10.26
CA THR C 117 -6.71 -9.94 -10.25
C THR C 117 -7.47 -11.22 -10.36
N PHE C 118 -8.80 -11.12 -10.33
CA PHE C 118 -9.68 -12.28 -10.39
C PHE C 118 -10.43 -12.32 -11.68
N THR C 119 -10.62 -13.57 -12.19
CA THR C 119 -11.48 -13.75 -13.38
C THR C 119 -12.29 -14.99 -13.09
N LYS C 120 -13.24 -15.27 -13.93
CA LYS C 120 -14.11 -16.45 -13.67
C LYS C 120 -13.53 -17.69 -14.34
N VAL C 121 -12.27 -17.63 -14.78
CA VAL C 121 -11.63 -18.75 -15.50
C VAL C 121 -10.92 -19.72 -14.52
N LYS C 122 -11.42 -20.97 -14.49
CA LYS C 122 -10.96 -22.00 -13.56
C LYS C 122 -9.60 -22.45 -14.05
N PRO C 123 -8.56 -22.38 -13.20
CA PRO C 123 -7.22 -22.81 -13.66
C PRO C 123 -7.09 -24.33 -14.04
N ALA D 1 -13.64 -15.04 21.38
CA ALA D 1 -14.15 -13.74 20.90
C ALA D 1 -13.06 -12.78 21.32
N GLU D 2 -13.24 -11.51 20.96
CA GLU D 2 -12.39 -10.42 21.47
C GLU D 2 -13.32 -9.29 21.86
N ALA D 3 -13.91 -9.36 23.08
CA ALA D 3 -15.08 -8.49 23.41
C ALA D 3 -14.74 -7.00 23.40
N GLY D 4 -13.44 -6.72 23.64
CA GLY D 4 -12.82 -5.42 23.62
C GLY D 4 -12.98 -4.64 22.36
N ILE D 5 -13.31 -5.28 21.26
CA ILE D 5 -13.52 -4.57 19.99
C ILE D 5 -14.89 -3.86 19.99
N THR D 6 -15.92 -4.48 20.56
CA THR D 6 -17.24 -3.92 20.38
C THR D 6 -17.28 -2.53 21.04
N GLY D 7 -17.88 -1.57 20.34
CA GLY D 7 -18.10 -0.24 20.86
C GLY D 7 -17.79 0.82 19.85
N THR D 8 -17.62 2.02 20.33
CA THR D 8 -17.33 3.22 19.49
C THR D 8 -15.87 3.53 19.62
N TRP D 9 -15.33 3.82 18.42
CA TRP D 9 -13.93 4.18 18.25
C TRP D 9 -13.79 5.45 17.46
N TYR D 10 -12.72 6.19 17.69
CA TYR D 10 -12.53 7.49 17.00
C TYR D 10 -11.15 7.51 16.37
N ASN D 11 -11.02 8.06 15.14
CA ASN D 11 -9.63 8.10 14.59
C ASN D 11 -9.09 9.54 14.60
N GLN D 12 -7.89 9.67 14.06
CA GLN D 12 -7.18 10.94 14.15
C GLN D 12 -7.74 12.02 13.24
N LEU D 13 -8.64 11.64 12.35
CA LEU D 13 -9.35 12.56 11.47
C LEU D 13 -10.67 13.05 12.05
N GLY D 14 -11.10 12.47 13.16
CA GLY D 14 -12.38 12.85 13.83
C GLY D 14 -13.56 11.97 13.33
N SER D 15 -13.24 10.89 12.61
CA SER D 15 -14.30 9.89 12.19
C SER D 15 -14.67 8.93 13.30
N THR D 16 -15.89 8.38 13.22
CA THR D 16 -16.46 7.53 14.26
C THR D 16 -16.79 6.17 13.68
N PHE D 17 -16.24 5.15 14.32
CA PHE D 17 -16.34 3.75 13.88
C PHE D 17 -17.16 3.03 15.00
N ILE D 18 -18.37 2.55 14.70
CA ILE D 18 -19.21 1.87 15.71
C ILE D 18 -19.36 0.42 15.31
N VAL D 19 -18.89 -0.50 16.14
CA VAL D 19 -18.80 -1.87 15.69
C VAL D 19 -19.24 -2.86 16.77
N THR D 20 -19.81 -3.99 16.32
CA THR D 20 -20.08 -5.12 17.19
C THR D 20 -19.24 -6.28 16.69
N ALA D 21 -18.47 -6.87 17.60
CA ALA D 21 -17.68 -8.12 17.30
C ALA D 21 -18.49 -9.32 17.78
N GLY D 22 -18.86 -10.17 16.83
CA GLY D 22 -19.57 -11.44 17.10
C GLY D 22 -18.67 -12.47 17.66
N ALA D 23 -19.26 -13.48 18.28
CA ALA D 23 -18.50 -14.50 18.99
C ALA D 23 -17.54 -15.30 18.06
N ASP D 24 -17.88 -15.45 16.79
CA ASP D 24 -17.08 -16.27 15.93
C ASP D 24 -16.40 -15.51 14.81
N GLY D 25 -16.29 -14.20 14.88
CA GLY D 25 -15.45 -13.46 13.96
C GLY D 25 -16.13 -12.42 13.15
N ALA D 26 -17.43 -12.19 13.30
CA ALA D 26 -18.14 -11.17 12.53
C ALA D 26 -17.84 -9.79 13.08
N LEU D 27 -17.70 -8.81 12.20
CA LEU D 27 -17.82 -7.37 12.51
C LEU D 27 -18.93 -6.72 11.76
N THR D 28 -19.77 -6.01 12.47
CA THR D 28 -20.90 -5.34 11.80
C THR D 28 -21.01 -3.97 12.48
N GLY D 29 -21.44 -2.94 11.78
CA GLY D 29 -21.54 -1.62 12.41
C GLY D 29 -21.74 -0.55 11.43
N THR D 30 -21.40 0.66 11.85
CA THR D 30 -21.48 1.83 10.94
C THR D 30 -20.29 2.71 11.05
N TYR D 31 -20.00 3.44 9.99
CA TYR D 31 -18.87 4.31 9.94
C TYR D 31 -19.31 5.70 9.52
N GLU D 32 -18.80 6.77 10.15
CA GLU D 32 -19.07 8.13 9.75
C GLU D 32 -17.76 8.84 9.60
N SER D 33 -17.48 9.24 8.36
CA SER D 33 -16.22 9.93 8.09
C SER D 33 -16.30 11.44 8.29
N ALA D 34 -15.26 12.01 8.90
CA ALA D 34 -15.20 13.43 9.05
C ALA D 34 -14.66 14.11 7.77
N VAL D 35 -14.11 13.34 6.82
CA VAL D 35 -13.51 13.84 5.58
C VAL D 35 -14.05 13.15 4.38
N GLY D 36 -13.75 13.71 3.21
CA GLY D 36 -14.07 13.06 1.94
C GLY D 36 -15.50 13.12 1.55
N ASN D 37 -15.83 12.32 0.53
CA ASN D 37 -17.12 12.42 -0.11
C ASN D 37 -18.15 11.59 0.63
N ALA D 38 -18.58 12.09 1.82
CA ALA D 38 -19.24 11.26 2.83
C ALA D 38 -20.13 12.14 3.68
N GLU D 39 -21.32 11.62 3.96
CA GLU D 39 -22.27 12.29 4.85
C GLU D 39 -22.99 11.24 5.62
N SER D 40 -23.17 11.51 6.92
CA SER D 40 -23.88 10.59 7.84
C SER D 40 -23.22 9.22 7.91
N ARG D 41 -23.98 8.20 8.30
CA ARG D 41 -23.41 6.88 8.56
C ARG D 41 -23.52 5.93 7.38
N TYR D 42 -22.55 5.03 7.28
CA TYR D 42 -22.48 4.01 6.25
C TYR D 42 -22.32 2.66 6.89
N VAL D 43 -22.96 1.65 6.29
CA VAL D 43 -22.77 0.27 6.73
C VAL D 43 -21.34 -0.20 6.60
N LEU D 44 -20.88 -0.95 7.61
CA LEU D 44 -19.65 -1.69 7.45
C LEU D 44 -19.86 -3.11 7.85
N THR D 45 -19.05 -3.97 7.23
CA THR D 45 -18.95 -5.36 7.65
C THR D 45 -17.52 -5.79 7.55
N GLY D 46 -17.09 -6.72 8.41
CA GLY D 46 -15.72 -7.27 8.34
C GLY D 46 -15.59 -8.51 9.16
N ARG D 47 -14.34 -8.86 9.44
CA ARG D 47 -14.04 -10.10 10.15
C ARG D 47 -12.92 -9.81 11.11
N TYR D 48 -12.80 -10.62 12.17
CA TYR D 48 -11.67 -10.52 13.08
C TYR D 48 -11.30 -11.90 13.56
N ASP D 49 -10.05 -12.01 14.05
CA ASP D 49 -9.59 -13.28 14.65
C ASP D 49 -10.32 -13.42 16.02
N SER D 50 -11.22 -14.41 16.12
CA SER D 50 -11.96 -14.59 17.35
C SER D 50 -11.26 -15.50 18.37
N ALA D 51 -10.06 -15.98 18.05
CA ALA D 51 -9.22 -16.67 19.04
C ALA D 51 -7.79 -16.20 18.88
N PRO D 52 -7.54 -14.93 19.23
CA PRO D 52 -6.17 -14.40 19.02
C PRO D 52 -5.17 -15.05 19.98
N ALA D 53 -3.90 -14.88 19.70
CA ALA D 53 -2.90 -15.24 20.67
C ALA D 53 -3.08 -14.47 21.97
N THR D 54 -2.57 -15.09 23.07
CA THR D 54 -2.73 -14.57 24.43
C THR D 54 -1.35 -14.01 24.96
N ASP D 55 -0.41 -13.71 24.07
CA ASP D 55 0.97 -13.30 24.43
C ASP D 55 1.11 -11.80 24.37
N GLY D 56 0.00 -11.08 24.23
CA GLY D 56 0.10 -9.62 24.17
C GLY D 56 0.04 -9.07 22.73
N SER D 57 0.16 -9.97 21.74
CA SER D 57 0.02 -9.59 20.31
C SER D 57 -1.36 -9.03 20.06
N GLY D 58 -1.49 -8.25 19.00
CA GLY D 58 -2.78 -7.72 18.63
C GLY D 58 -3.68 -8.78 18.02
N THR D 59 -4.93 -8.40 17.88
CA THR D 59 -6.00 -9.24 17.24
C THR D 59 -6.21 -8.70 15.85
N ALA D 60 -5.91 -9.53 14.84
CA ALA D 60 -6.00 -9.10 13.40
C ALA D 60 -7.50 -8.91 13.04
N LEU D 61 -7.81 -7.90 12.23
CA LEU D 61 -9.18 -7.70 11.81
C LEU D 61 -9.15 -6.83 10.52
N GLY D 62 -10.30 -6.73 9.87
CA GLY D 62 -10.43 -5.77 8.74
C GLY D 62 -11.91 -5.56 8.52
N TRP D 63 -12.24 -4.46 7.86
CA TRP D 63 -13.61 -4.20 7.49
C TRP D 63 -13.67 -3.37 6.23
N THR D 64 -14.88 -3.31 5.65
CA THR D 64 -15.14 -2.57 4.39
C THR D 64 -16.33 -1.67 4.61
N VAL D 65 -16.24 -0.46 4.04
CA VAL D 65 -17.37 0.44 3.79
C VAL D 65 -17.44 0.69 2.28
N ALA D 66 -18.65 0.45 1.70
CA ALA D 66 -18.94 1.03 0.36
C ALA D 66 -19.64 2.35 0.58
N TRP D 67 -19.14 3.40 -0.04
CA TRP D 67 -19.57 4.77 0.29
C TRP D 67 -20.87 5.19 -0.40
N LYS D 68 -21.89 4.35 -0.21
CA LYS D 68 -23.26 4.58 -0.63
C LYS D 68 -24.14 4.46 0.56
N ASN D 69 -24.97 5.47 0.77
CA ASN D 69 -26.02 5.37 1.78
C ASN D 69 -27.26 6.05 1.26
N ASN D 70 -28.22 6.37 2.12
CA ASN D 70 -29.47 6.99 1.61
C ASN D 70 -29.31 8.42 1.14
N TYR D 71 -28.20 9.03 1.50
CA TYR D 71 -27.90 10.40 1.14
C TYR D 71 -27.05 10.59 -0.07
N ARG D 72 -26.10 9.71 -0.30
CA ARG D 72 -25.08 10.01 -1.23
C ARG D 72 -24.41 8.72 -1.73
N ASN D 73 -23.84 8.77 -2.94
CA ASN D 73 -23.05 7.67 -3.42
C ASN D 73 -21.76 8.12 -4.06
N ALA D 74 -20.61 7.88 -3.39
CA ALA D 74 -19.31 8.33 -3.88
C ALA D 74 -18.70 7.37 -4.91
N HIS D 75 -19.35 6.20 -5.14
CA HIS D 75 -18.80 5.23 -6.10
C HIS D 75 -17.36 4.82 -5.73
N SER D 76 -17.28 4.33 -4.47
CA SER D 76 -15.95 4.02 -3.91
C SER D 76 -16.16 3.12 -2.72
N ALA D 77 -15.09 2.47 -2.31
CA ALA D 77 -15.13 1.57 -1.13
C ALA D 77 -13.77 1.64 -0.46
N THR D 78 -13.77 1.53 0.89
CA THR D 78 -12.57 1.50 1.65
C THR D 78 -12.49 0.20 2.45
N THR D 79 -11.31 -0.39 2.45
CA THR D 79 -11.03 -1.43 3.40
C THR D 79 -9.97 -1.00 4.41
N TRP D 80 -10.21 -1.30 5.70
CA TRP D 80 -9.19 -1.10 6.72
C TRP D 80 -8.74 -2.46 7.12
N SER D 81 -7.41 -2.64 7.18
CA SER D 81 -6.76 -3.89 7.62
C SER D 81 -5.89 -3.54 8.81
N GLY D 82 -5.98 -4.28 9.94
CA GLY D 82 -5.20 -3.77 11.03
C GLY D 82 -5.23 -4.76 12.19
N GLN D 83 -4.91 -4.23 13.38
CA GLN D 83 -4.96 -5.09 14.59
C GLN D 83 -5.44 -4.27 15.79
N TYR D 84 -6.26 -4.93 16.61
CA TYR D 84 -6.72 -4.36 17.92
C TYR D 84 -5.73 -4.72 18.99
N VAL D 85 -5.41 -3.72 19.82
CA VAL D 85 -4.62 -3.97 21.05
C VAL D 85 -5.43 -3.48 22.22
N GLY D 86 -5.56 -4.29 23.26
CA GLY D 86 -6.40 -3.87 24.42
C GLY D 86 -5.56 -3.18 25.46
N GLY D 87 -6.02 -3.18 26.70
CA GLY D 87 -5.28 -2.56 27.78
C GLY D 87 -5.55 -1.08 27.97
N ALA D 88 -4.72 -0.42 28.76
CA ALA D 88 -5.02 0.95 29.13
C ALA D 88 -4.99 1.93 27.97
N GLU D 89 -4.17 1.66 26.96
CA GLU D 89 -4.13 2.50 25.78
C GLU D 89 -4.61 1.67 24.58
N ALA D 90 -5.82 1.15 24.67
CA ALA D 90 -6.44 0.35 23.61
C ALA D 90 -6.52 1.11 22.34
N ARG D 91 -6.25 0.42 21.26
CA ARG D 91 -6.20 1.04 19.97
CA ARG D 91 -6.10 1.02 19.94
C ARG D 91 -6.52 0.01 18.88
N ILE D 92 -7.03 0.49 17.75
CA ILE D 92 -7.09 -0.33 16.55
C ILE D 92 -6.20 0.41 15.56
N ASN D 93 -5.06 -0.22 15.21
CA ASN D 93 -4.10 0.39 14.33
C ASN D 93 -4.30 -0.20 12.90
N THR D 94 -4.54 0.67 11.90
CA THR D 94 -4.93 0.18 10.59
C THR D 94 -4.12 0.87 9.50
N GLN D 95 -4.12 0.16 8.39
CA GLN D 95 -3.82 0.78 7.07
C GLN D 95 -5.07 0.59 6.21
N TRP D 96 -5.33 1.48 5.24
CA TRP D 96 -6.54 1.40 4.47
C TRP D 96 -6.27 1.60 3.00
N LEU D 97 -7.19 1.12 2.21
CA LEU D 97 -7.20 1.28 0.69
C LEU D 97 -8.57 1.76 0.28
N LEU D 98 -8.64 2.91 -0.32
CA LEU D 98 -9.86 3.56 -0.78
C LEU D 98 -9.88 3.46 -2.29
N THR D 99 -10.71 2.57 -2.85
CA THR D 99 -10.72 2.43 -4.32
C THR D 99 -11.98 3.09 -4.87
N SER D 100 -11.84 3.95 -5.86
CA SER D 100 -12.98 4.59 -6.56
C SER D 100 -13.22 3.73 -7.78
N GLY D 101 -14.50 3.62 -8.17
CA GLY D 101 -14.79 3.08 -9.51
C GLY D 101 -14.28 4.05 -10.55
N THR D 102 -13.58 3.55 -11.54
CA THR D 102 -13.01 4.42 -12.57
C THR D 102 -13.21 3.75 -13.93
N THR D 103 -13.04 4.55 -14.98
CA THR D 103 -12.82 3.96 -16.32
C THR D 103 -11.45 3.21 -16.40
N GLU D 104 -11.27 2.39 -17.41
CA GLU D 104 -10.02 1.70 -17.52
C GLU D 104 -8.84 2.69 -17.65
N ALA D 105 -9.03 3.78 -18.39
CA ALA D 105 -7.98 4.73 -18.62
C ALA D 105 -7.53 5.41 -17.32
N ASN D 106 -8.42 5.48 -16.34
CA ASN D 106 -8.09 6.16 -15.09
C ASN D 106 -7.79 5.14 -13.96
N ALA D 107 -7.78 3.83 -14.26
CA ALA D 107 -7.64 2.80 -13.16
C ALA D 107 -6.31 2.97 -12.43
N TRP D 108 -5.28 3.49 -13.12
CA TRP D 108 -4.00 3.68 -12.42
C TRP D 108 -4.09 4.57 -11.22
N LYS D 109 -5.09 5.48 -11.20
CA LYS D 109 -5.23 6.40 -10.08
C LYS D 109 -6.51 6.09 -9.32
N SER D 110 -6.92 4.80 -9.27
CA SER D 110 -8.19 4.49 -8.58
C SER D 110 -8.03 4.44 -7.06
N THR D 111 -6.80 4.18 -6.53
CA THR D 111 -6.72 3.75 -5.12
C THR D 111 -5.83 4.68 -4.31
N LEU D 112 -6.40 5.21 -3.22
CA LEU D 112 -5.65 5.92 -2.18
C LEU D 112 -5.26 4.96 -1.07
N VAL D 113 -4.13 5.25 -0.41
CA VAL D 113 -3.65 4.44 0.74
C VAL D 113 -3.33 5.35 1.90
N GLY D 114 -3.67 4.89 3.10
CA GLY D 114 -3.35 5.71 4.23
C GLY D 114 -3.36 4.82 5.49
N HIS D 115 -3.28 5.47 6.65
CA HIS D 115 -3.30 4.74 7.92
C HIS D 115 -4.14 5.51 8.92
N ASP D 116 -4.96 4.79 9.66
CA ASP D 116 -5.82 5.39 10.67
C ASP D 116 -5.54 4.67 11.97
N THR D 117 -5.50 5.45 13.07
CA THR D 117 -5.37 4.82 14.40
C THR D 117 -6.64 5.20 15.14
N PHE D 118 -7.34 4.20 15.62
CA PHE D 118 -8.59 4.38 16.36
C PHE D 118 -8.35 4.22 17.83
N THR D 119 -8.96 5.14 18.63
CA THR D 119 -8.81 5.01 20.08
C THR D 119 -10.18 5.02 20.71
N LYS D 120 -10.28 4.70 22.02
CA LYS D 120 -11.57 4.71 22.66
C LYS D 120 -12.01 6.10 23.11
N VAL D 121 -11.09 7.05 23.19
CA VAL D 121 -11.38 8.47 23.51
C VAL D 121 -10.87 9.36 22.33
N LYS D 122 -11.62 10.40 22.05
CA LYS D 122 -11.23 11.57 21.26
C LYS D 122 -12.34 11.88 20.25
C11 BTN E . 14.99 -5.64 6.11
O11 BTN E . 14.59 -6.10 7.20
O12 BTN E . 14.72 -6.22 5.02
C10 BTN E . 15.83 -4.42 6.04
C9 BTN E . 15.55 -3.40 7.15
C8 BTN E . 14.15 -2.81 6.99
C7 BTN E . 13.81 -1.74 8.01
C2 BTN E . 12.41 -1.05 7.79
S1 BTN E . 12.42 0.10 6.40
C6 BTN E . 10.79 0.60 6.89
C5 BTN E . 10.84 0.66 8.37
N1 BTN E . 11.32 1.99 8.87
C3 BTN E . 12.52 1.80 9.49
O3 BTN E . 13.19 2.87 9.97
N2 BTN E . 12.92 0.54 9.58
C4 BTN E . 11.88 -0.29 8.97
C1 GOL F . 3.79 2.08 12.64
O1 GOL F . 4.16 3.42 12.27
C2 GOL F . 5.04 1.34 12.31
O2 GOL F . 6.14 1.76 13.12
C3 GOL F . 5.36 1.49 10.83
O3 GOL F . 4.34 1.25 9.92
C1 GOL G . 20.41 1.69 15.58
O1 GOL G . 20.31 1.02 16.82
C2 GOL G . 19.86 3.04 15.97
O2 GOL G . 18.50 2.85 16.40
C3 GOL G . 19.95 3.87 14.71
O3 GOL G . 19.11 4.96 14.72
C1 GOL H . 1.05 3.38 14.05
O1 GOL H . 0.17 2.35 13.49
C2 GOL H . 0.46 4.78 14.37
O2 GOL H . 0.84 5.91 13.58
C3 GOL H . 0.80 5.25 15.78
O3 GOL H . -0.47 5.65 16.23
C11 BSO I . 1.28 13.11 -11.25
O11 BSO I . 0.13 12.92 -11.85
O12 BSO I . 1.22 13.66 -10.07
C10 BSO I . 2.59 12.79 -11.92
C9 BSO I . 2.48 11.61 -12.88
C8 BSO I . 2.25 10.30 -12.06
C7 BSO I . 2.24 9.16 -13.10
C2 BSO I . 2.06 7.79 -12.33
S1 BSO I . 3.44 7.24 -11.37
C6 BSO I . 2.73 5.66 -11.12
C5 BSO I . 2.03 5.29 -12.40
N1 BSO I . 2.99 4.61 -13.32
C3 BSO I . 3.27 5.36 -14.39
O3 BSO I . 4.07 5.03 -15.32
N2 BSO I . 2.55 6.47 -14.40
C4 BSO I . 1.70 6.58 -13.21
O10 BSO I . 3.11 7.91 -10.13
C1 GOL J . -2.73 -1.40 -12.65
O1 GOL J . -1.47 -1.97 -12.88
C2 GOL J . -2.47 0.06 -12.81
O2 GOL J . -2.11 0.39 -14.14
C3 GOL J . -1.48 0.59 -11.79
O3 GOL J . -1.82 0.25 -10.50
C1 GOL K . 4.30 9.20 -23.31
O1 GOL K . 3.17 9.42 -24.15
C2 GOL K . 4.85 7.81 -23.61
O2 GOL K . 5.25 7.67 -24.97
C3 GOL K . 6.09 7.54 -22.75
O3 GOL K . 6.43 6.21 -22.80
S SO4 L . 23.32 -15.10 -0.22
O1 SO4 L . 24.02 -16.12 0.62
O2 SO4 L . 22.92 -14.00 0.66
O3 SO4 L . 22.28 -15.68 -1.08
O4 SO4 L . 24.27 -14.65 -1.29
C11 BTN M . -1.53 -15.97 6.07
O11 BTN M . -0.56 -16.47 5.52
O12 BTN M . -1.43 -15.17 7.05
C10 BTN M . -2.94 -16.24 5.64
C9 BTN M . -3.05 -16.55 4.13
C8 BTN M . -2.80 -15.27 3.34
C7 BTN M . -2.95 -15.52 1.85
C2 BTN M . -2.78 -14.20 1.04
S1 BTN M . -4.16 -13.08 1.15
C6 BTN M . -3.47 -12.03 -0.20
C5 BTN M . -2.91 -13.06 -1.18
N1 BTN M . -3.96 -13.48 -2.16
C3 BTN M . -4.21 -14.75 -1.95
O3 BTN M . -5.13 -15.35 -2.70
N2 BTN M . -3.50 -15.34 -1.03
C4 BTN M . -2.55 -14.42 -0.46
C1 GOL N . 10.54 -9.78 7.74
O1 GOL N . 9.83 -10.98 7.37
C2 GOL N . 11.03 -9.01 6.54
O2 GOL N . 12.00 -9.83 5.89
C3 GOL N . 11.63 -7.73 6.99
O3 GOL N . 12.80 -7.96 7.71
C1 GOL O . 1.54 -10.25 -7.57
O1 GOL O . 0.26 -10.14 -8.10
C2 GOL O . 1.33 -11.18 -6.41
O2 GOL O . 0.78 -12.50 -6.69
C3 GOL O . 0.57 -10.48 -5.31
O3 GOL O . 0.80 -9.16 -5.05
C1 GOL P . -14.51 -20.84 11.88
O1 GOL P . -13.65 -21.53 12.78
C2 GOL P . -14.36 -19.35 12.17
O2 GOL P . -15.49 -18.75 11.63
C3 GOL P . -14.36 -19.09 13.66
O3 GOL P . -14.46 -17.77 13.90
C11 BSO Q . -14.78 9.05 -0.56
O11 BSO Q . -14.27 10.18 -0.46
O12 BSO Q . -14.71 8.43 -1.64
C10 BSO Q . -15.52 8.46 0.60
C9 BSO Q . -14.97 8.86 1.97
C8 BSO Q . -13.54 8.36 2.25
C7 BSO Q . -13.08 8.72 3.65
C2 BSO Q . -11.68 8.18 3.98
S1 BSO Q . -11.64 6.43 4.21
C6 BSO Q . -9.97 6.55 4.80
C5 BSO Q . -9.99 7.79 5.69
N1 BSO Q . -10.37 7.55 7.10
C3 BSO Q . -11.50 8.18 7.42
O3 BSO Q . -12.05 8.12 8.53
N2 BSO Q . -11.94 8.93 6.38
C4 BSO Q . -11.02 8.83 5.20
O10 BSO Q . -11.37 5.89 2.84
C1 GOL R . -3.97 9.23 7.02
O1 GOL R . -3.22 8.32 6.22
C2 GOL R . -3.03 10.17 7.83
O2 GOL R . -2.47 9.38 8.86
C3 GOL R . -3.80 11.04 8.83
O3 GOL R . -5.08 10.99 8.33
C1 GOL S . -13.23 10.31 -3.36
O1 GOL S . -13.94 9.20 -3.85
C2 GOL S . -11.75 10.05 -3.05
O2 GOL S . -11.08 9.65 -4.19
C3 GOL S . -11.20 11.40 -2.64
O3 GOL S . -12.36 11.69 -1.91
S SO4 T . -0.40 -18.21 22.51
O1 SO4 T . -1.85 -17.91 22.51
O2 SO4 T . -0.08 -19.36 23.43
O3 SO4 T . 0.08 -18.61 21.13
O4 SO4 T . 0.35 -17.00 23.00
#